data_5A27
#
_entry.id   5A27
#
_cell.length_a   46.940
_cell.length_b   90.590
_cell.length_c   52.710
_cell.angle_alpha   90.00
_cell.angle_beta   111.55
_cell.angle_gamma   90.00
#
_symmetry.space_group_name_H-M   'P 1 21 1'
#
loop_
_entity.id
_entity.type
_entity.pdbx_description
1 polymer 'GLYCYLPEPTIDE N-TETRADECANOYLTRANSFERASE'
2 non-polymer TETRADECANOYL-COA
3 non-polymer 5-chloranyl-N-[2-(3-methoxyphenyl)ethanimidoyl]-2-piperidin-4-yloxy-benzamide
4 non-polymer 'MAGNESIUM ION'
5 water water
#
_entity_poly.entity_id   1
_entity_poly.type   'polypeptide(L)'
_entity_poly.pdbx_seq_one_letter_code
;AHAFWSTQPVPQTEDETEKIVFAGPMDEPKTVADIPEEPYPIASTFEWWTPNMEAADDIHAIYELLRDNYVEDDDSMFRF
NYSEEFLQWALCPPNYIPDWHVAVRRKADKKLLAFIAGVPVTLRMGTPKYMKVKAQEKGEGEEAAKYDEPRHICEINFLC
VHKQLREKRLAPILIKEATRRVNRTNVWQAVYTAGVLLPTPYASGQYFHRSLNPEKLVEIRFSGIPAQYQKFQNPMAMLK
RNYQLPSAPKNSGLREMKPSDVPQVRRILMNYLDSFDVGPVFSDAEISHYLLPRDGVVFTYVVENDKKVTDFFSFYRIPS
TVIGNSNYNLLNAAYVHYYAATSIPLHQLILDLLIVAHSRGFDVCNMVEILDNRSFVEQLKFGAGDGHLRYYFYNWAYPK
IKPSQVALVML
;
_entity_poly.pdbx_strand_id   A
#
# COMPACT_ATOMS: atom_id res chain seq x y z
N ALA A 1 -2.51 -27.08 -8.33
CA ALA A 1 -2.93 -25.78 -8.92
C ALA A 1 -1.95 -24.66 -8.60
N HIS A 2 -1.15 -24.79 -7.53
CA HIS A 2 -0.16 -23.72 -7.22
C HIS A 2 1.15 -24.42 -6.94
N ALA A 3 1.96 -24.63 -7.96
CA ALA A 3 3.23 -25.41 -7.75
C ALA A 3 4.14 -24.69 -6.84
N PHE A 4 4.11 -23.35 -6.76
CA PHE A 4 5.01 -22.67 -5.80
C PHE A 4 4.28 -22.43 -4.51
N TRP A 5 3.08 -21.79 -4.51
CA TRP A 5 2.44 -21.39 -3.26
C TRP A 5 1.98 -22.58 -2.37
N SER A 6 1.80 -23.76 -2.98
CA SER A 6 1.50 -24.93 -2.17
C SER A 6 2.71 -25.42 -1.37
N THR A 7 3.90 -24.88 -1.63
CA THR A 7 5.12 -25.27 -0.90
C THR A 7 5.49 -24.30 0.23
N GLN A 8 4.67 -23.24 0.39
CA GLN A 8 5.04 -22.10 1.28
C GLN A 8 4.23 -22.11 2.54
N PRO A 9 4.70 -21.47 3.61
CA PRO A 9 4.04 -21.45 4.94
C PRO A 9 2.91 -20.39 4.92
N VAL A 10 1.87 -20.67 4.14
CA VAL A 10 0.67 -19.80 4.07
C VAL A 10 -0.54 -20.70 4.11
N PRO A 11 -1.66 -20.22 4.60
CA PRO A 11 -2.89 -21.08 4.52
C PRO A 11 -3.24 -21.37 3.10
N GLN A 12 -3.69 -22.61 2.88
CA GLN A 12 -3.86 -23.05 1.52
C GLN A 12 -5.26 -22.92 0.97
N THR A 13 -6.24 -22.82 1.88
CA THR A 13 -7.65 -22.74 1.40
C THR A 13 -8.40 -21.84 2.29
N GLU A 14 -9.56 -21.39 1.77
CA GLU A 14 -10.56 -20.75 2.72
C GLU A 14 -11.06 -21.66 3.86
N ASP A 15 -11.21 -22.99 3.61
CA ASP A 15 -11.65 -23.93 4.64
CA ASP A 15 -11.65 -23.91 4.65
C ASP A 15 -10.61 -23.95 5.79
N GLU A 16 -9.32 -23.96 5.43
CA GLU A 16 -8.31 -23.94 6.45
C GLU A 16 -8.38 -22.53 7.17
N THR A 17 -8.54 -21.46 6.41
CA THR A 17 -8.57 -20.09 7.00
C THR A 17 -9.68 -19.99 8.02
N GLU A 18 -10.80 -20.65 7.72
CA GLU A 18 -11.94 -20.58 8.67
C GLU A 18 -11.64 -21.25 9.99
N LYS A 19 -10.74 -22.22 10.09
CA LYS A 19 -10.48 -22.88 11.35
CA LYS A 19 -10.47 -22.88 11.35
C LYS A 19 -9.50 -22.05 12.17
N ILE A 20 -8.87 -20.96 11.57
CA ILE A 20 -7.86 -20.27 12.34
C ILE A 20 -8.58 -19.36 13.36
N VAL A 21 -8.19 -19.54 14.62
CA VAL A 21 -8.88 -18.72 15.62
C VAL A 21 -7.88 -17.89 16.44
N PHE A 22 -6.55 -18.15 16.34
CA PHE A 22 -5.57 -17.29 16.99
C PHE A 22 -4.54 -16.82 15.99
N ALA A 23 -4.02 -15.61 16.19
CA ALA A 23 -2.80 -15.22 15.46
C ALA A 23 -1.60 -16.08 15.89
N GLY A 24 -0.72 -16.45 14.94
CA GLY A 24 0.55 -17.07 15.31
C GLY A 24 1.25 -17.60 14.07
N PRO A 25 2.46 -18.09 14.17
CA PRO A 25 3.17 -18.56 13.00
CA PRO A 25 3.14 -18.57 12.98
C PRO A 25 2.58 -19.79 12.39
N MET A 26 2.76 -19.96 11.09
CA MET A 26 2.37 -21.24 10.45
C MET A 26 3.42 -22.27 10.77
N ASP A 27 4.68 -21.93 10.70
CA ASP A 27 5.79 -22.88 11.11
C ASP A 27 6.59 -22.15 12.14
N GLU A 28 6.85 -22.76 13.26
CA GLU A 28 7.67 -22.13 14.28
CA GLU A 28 7.66 -22.07 14.25
C GLU A 28 9.04 -21.78 13.70
N PRO A 29 9.54 -20.56 13.88
CA PRO A 29 10.85 -20.25 13.28
C PRO A 29 12.00 -21.10 13.75
N LYS A 30 12.90 -21.34 12.82
CA LYS A 30 14.27 -21.75 13.13
CA LYS A 30 14.24 -21.73 13.04
C LYS A 30 15.03 -20.49 13.56
N THR A 31 16.33 -20.60 13.48
CA THR A 31 17.24 -19.53 13.87
C THR A 31 17.99 -19.04 12.67
N VAL A 32 18.64 -17.91 12.79
CA VAL A 32 19.50 -17.36 11.72
C VAL A 32 20.53 -18.46 11.36
N ALA A 33 21.14 -19.10 12.33
CA ALA A 33 22.21 -20.12 12.02
C ALA A 33 21.63 -21.27 11.18
N ASP A 34 20.34 -21.50 11.13
CA ASP A 34 19.70 -22.55 10.26
C ASP A 34 19.61 -22.06 8.84
N ILE A 35 19.88 -20.80 8.58
CA ILE A 35 19.69 -20.25 7.21
C ILE A 35 21.09 -20.13 6.56
N PRO A 36 21.28 -20.59 5.34
CA PRO A 36 22.60 -20.57 4.71
C PRO A 36 22.98 -19.18 4.29
N GLU A 37 24.26 -18.79 4.30
CA GLU A 37 24.71 -17.56 3.68
C GLU A 37 24.92 -17.77 2.22
N GLU A 38 25.02 -19.03 1.69
CA GLU A 38 25.18 -19.17 0.23
C GLU A 38 23.82 -18.69 -0.33
N PRO A 39 23.84 -17.82 -1.38
CA PRO A 39 22.59 -17.38 -1.93
C PRO A 39 21.79 -18.53 -2.54
N TYR A 40 20.49 -18.35 -2.76
CA TYR A 40 19.72 -19.42 -3.33
C TYR A 40 20.28 -19.69 -4.77
N PRO A 41 20.31 -20.93 -5.21
CA PRO A 41 20.78 -21.24 -6.58
C PRO A 41 20.05 -20.56 -7.65
N ILE A 42 20.80 -20.13 -8.63
CA ILE A 42 20.24 -19.42 -9.79
C ILE A 42 21.01 -19.90 -11.02
N ALA A 43 20.36 -19.93 -12.18
CA ALA A 43 20.98 -20.36 -13.46
C ALA A 43 22.28 -19.66 -13.71
N SER A 44 23.28 -20.38 -14.29
CA SER A 44 24.59 -19.84 -14.38
C SER A 44 24.69 -18.63 -15.32
N THR A 45 23.63 -18.37 -16.12
CA THR A 45 23.58 -17.21 -16.98
C THR A 45 22.97 -15.97 -16.33
N PHE A 46 22.54 -16.17 -15.08
CA PHE A 46 21.94 -15.01 -14.34
C PHE A 46 22.70 -14.80 -13.05
N GLU A 47 22.47 -13.64 -12.42
CA GLU A 47 23.09 -13.39 -11.14
C GLU A 47 22.20 -12.53 -10.25
N TRP A 48 22.34 -12.66 -8.97
CA TRP A 48 21.67 -11.76 -8.03
C TRP A 48 22.41 -10.46 -8.02
N TRP A 49 21.65 -9.38 -7.83
CA TRP A 49 22.25 -8.00 -7.71
C TRP A 49 21.44 -7.27 -6.66
N THR A 50 22.16 -6.58 -5.75
CA THR A 50 21.51 -5.74 -4.71
C THR A 50 21.71 -4.30 -5.14
N PRO A 51 20.68 -3.66 -5.69
CA PRO A 51 20.85 -2.24 -6.05
C PRO A 51 21.03 -1.41 -4.83
N ASN A 52 21.68 -0.28 -4.98
CA ASN A 52 21.69 0.72 -3.91
C ASN A 52 20.60 1.79 -4.18
N MET A 53 19.50 1.73 -3.42
CA MET A 53 18.28 2.56 -3.75
CA MET A 53 18.30 2.54 -3.59
C MET A 53 18.29 3.99 -3.19
N GLU A 54 19.46 4.37 -2.68
CA GLU A 54 19.72 5.73 -2.46
C GLU A 54 20.61 6.29 -3.55
N ALA A 55 21.14 5.48 -4.48
CA ALA A 55 22.14 5.99 -5.53
C ALA A 55 21.31 6.19 -6.74
N ALA A 56 21.33 7.41 -7.23
CA ALA A 56 20.50 7.82 -8.37
C ALA A 56 20.54 6.88 -9.55
N ASP A 57 21.70 6.39 -9.96
CA ASP A 57 21.67 5.60 -11.17
C ASP A 57 21.03 4.20 -10.94
N ASP A 58 21.20 3.64 -9.72
CA ASP A 58 20.58 2.31 -9.44
C ASP A 58 19.07 2.55 -9.30
N ILE A 59 18.63 3.64 -8.65
CA ILE A 59 17.21 3.96 -8.66
CA ILE A 59 17.22 3.97 -8.66
C ILE A 59 16.71 4.06 -10.08
N HIS A 60 17.42 4.74 -10.97
CA HIS A 60 16.98 4.86 -12.33
C HIS A 60 16.83 3.50 -13.01
N ALA A 61 17.81 2.59 -12.83
CA ALA A 61 17.69 1.28 -13.43
C ALA A 61 16.40 0.54 -12.97
N ILE A 62 16.13 0.56 -11.65
CA ILE A 62 14.89 -0.11 -11.20
C ILE A 62 13.67 0.67 -11.73
N TYR A 63 13.73 2.01 -11.74
CA TYR A 63 12.63 2.82 -12.28
C TYR A 63 12.29 2.39 -13.72
N GLU A 64 13.33 2.15 -14.59
CA GLU A 64 13.01 1.75 -15.98
C GLU A 64 12.42 0.37 -16.06
N LEU A 65 12.89 -0.60 -15.25
CA LEU A 65 12.31 -1.91 -15.27
C LEU A 65 10.82 -1.81 -14.94
N LEU A 66 10.50 -1.06 -13.86
CA LEU A 66 9.10 -0.96 -13.47
C LEU A 66 8.25 -0.15 -14.45
N ARG A 67 8.80 0.95 -14.98
CA ARG A 67 8.08 1.73 -16.00
C ARG A 67 7.63 0.82 -17.13
N ASP A 68 8.52 -0.09 -17.56
CA ASP A 68 8.22 -0.83 -18.75
C ASP A 68 7.54 -2.21 -18.50
N ASN A 69 7.57 -2.67 -17.22
CA ASN A 69 7.21 -4.03 -16.92
C ASN A 69 6.38 -4.24 -15.67
N TYR A 70 6.00 -3.17 -14.96
CA TYR A 70 5.24 -3.36 -13.69
C TYR A 70 3.72 -3.43 -13.98
N VAL A 71 2.92 -3.26 -12.96
CA VAL A 71 1.49 -3.65 -13.04
C VAL A 71 0.74 -2.81 -14.13
N GLU A 72 -0.05 -3.51 -14.96
CA GLU A 72 -0.96 -2.88 -15.94
C GLU A 72 -2.40 -3.21 -15.60
N ASP A 73 -3.32 -2.45 -16.13
CA ASP A 73 -4.72 -2.82 -15.96
C ASP A 73 -4.95 -4.01 -16.86
N ASP A 74 -6.18 -4.55 -16.63
CA ASP A 74 -6.50 -5.80 -17.26
C ASP A 74 -6.60 -5.73 -18.77
N ASP A 75 -6.82 -4.49 -19.36
CA ASP A 75 -6.88 -4.34 -20.82
C ASP A 75 -5.68 -3.67 -21.37
N SER A 76 -4.58 -3.72 -20.57
CA SER A 76 -3.29 -3.20 -21.07
C SER A 76 -3.35 -1.78 -21.69
N MET A 77 -4.07 -0.89 -21.03
CA MET A 77 -4.18 0.51 -21.43
CA MET A 77 -4.23 0.53 -21.40
C MET A 77 -3.31 1.46 -20.58
N PHE A 78 -3.00 1.02 -19.33
CA PHE A 78 -2.26 1.84 -18.39
C PHE A 78 -1.26 1.00 -17.68
N ARG A 79 -0.13 1.57 -17.32
CA ARG A 79 0.89 0.83 -16.56
C ARG A 79 1.45 1.79 -15.52
N PHE A 80 1.60 1.33 -14.26
CA PHE A 80 2.17 2.19 -13.24
C PHE A 80 3.50 2.76 -13.69
N ASN A 81 3.72 4.05 -13.34
CA ASN A 81 5.02 4.70 -13.63
C ASN A 81 5.49 5.37 -12.35
N TYR A 82 5.69 4.61 -11.31
CA TYR A 82 6.25 5.16 -10.07
C TYR A 82 7.55 6.00 -10.35
N SER A 83 7.64 7.17 -9.77
CA SER A 83 8.80 8.03 -10.05
C SER A 83 10.03 7.54 -9.34
N GLU A 84 11.17 8.04 -9.78
CA GLU A 84 12.42 7.77 -9.08
C GLU A 84 12.40 8.29 -7.64
N GLU A 85 11.83 9.49 -7.42
CA GLU A 85 11.77 10.04 -6.06
C GLU A 85 10.83 9.18 -5.22
N PHE A 86 9.72 8.70 -5.78
CA PHE A 86 8.84 7.82 -5.01
C PHE A 86 9.56 6.54 -4.61
N LEU A 87 10.32 5.93 -5.54
CA LEU A 87 10.97 4.68 -5.22
C LEU A 87 11.98 4.87 -4.09
N GLN A 88 12.75 5.96 -4.15
CA GLN A 88 13.72 6.14 -3.00
C GLN A 88 13.00 6.29 -1.69
N TRP A 89 11.88 7.05 -1.70
CA TRP A 89 11.08 7.23 -0.49
C TRP A 89 10.48 5.91 0.02
N ALA A 90 9.88 5.14 -0.88
CA ALA A 90 9.21 3.91 -0.51
C ALA A 90 10.20 2.86 0.00
N LEU A 91 11.38 2.82 -0.56
CA LEU A 91 12.20 1.67 -0.23
CA LEU A 91 12.35 1.71 -0.42
C LEU A 91 13.28 1.96 0.76
N CYS A 92 13.48 3.23 1.12
CA CYS A 92 14.51 3.61 2.13
C CYS A 92 14.00 4.28 3.36
N PRO A 93 13.02 3.72 4.04
CA PRO A 93 12.56 4.30 5.30
C PRO A 93 13.61 4.09 6.39
N PRO A 94 13.37 4.71 7.55
CA PRO A 94 14.28 4.57 8.70
C PRO A 94 14.58 3.12 8.98
N ASN A 95 15.92 2.87 9.13
CA ASN A 95 16.39 1.49 9.49
C ASN A 95 16.15 0.50 8.41
N TYR A 96 16.04 0.95 7.16
CA TYR A 96 15.82 -0.05 6.08
C TYR A 96 17.07 -0.91 5.95
N ILE A 97 16.89 -2.09 5.37
CA ILE A 97 17.95 -3.08 5.18
CA ILE A 97 17.93 -3.12 5.20
C ILE A 97 18.24 -3.15 3.69
N PRO A 98 19.42 -2.68 3.24
CA PRO A 98 19.68 -2.64 1.81
C PRO A 98 19.57 -4.10 1.23
N ASP A 99 19.99 -5.10 1.98
CA ASP A 99 19.99 -6.47 1.43
CA ASP A 99 19.99 -6.42 1.34
C ASP A 99 18.60 -6.98 1.11
N TRP A 100 17.54 -6.31 1.63
CA TRP A 100 16.17 -6.73 1.26
C TRP A 100 15.70 -6.18 -0.08
N HIS A 101 16.51 -5.50 -0.81
CA HIS A 101 16.19 -5.00 -2.17
C HIS A 101 16.96 -6.00 -3.09
N VAL A 102 16.20 -6.85 -3.81
CA VAL A 102 16.84 -8.01 -4.53
C VAL A 102 16.49 -7.95 -6.01
N ALA A 103 17.48 -7.96 -6.89
CA ALA A 103 17.30 -7.97 -8.32
C ALA A 103 17.99 -9.17 -8.94
N VAL A 104 17.57 -9.47 -10.16
CA VAL A 104 18.22 -10.46 -11.01
C VAL A 104 18.69 -9.74 -12.27
N ARG A 105 19.95 -10.03 -12.61
CA ARG A 105 20.55 -9.52 -13.87
CA ARG A 105 20.52 -9.48 -13.82
C ARG A 105 21.04 -10.62 -14.72
N ARG A 106 20.93 -10.45 -16.05
CA ARG A 106 21.50 -11.39 -17.04
C ARG A 106 22.96 -11.09 -17.19
N LYS A 107 23.84 -12.06 -17.00
CA LYS A 107 25.30 -11.78 -16.98
CA LYS A 107 25.30 -11.84 -17.02
C LYS A 107 25.81 -11.27 -18.37
N ALA A 108 25.33 -11.84 -19.48
CA ALA A 108 25.99 -11.50 -20.83
C ALA A 108 25.85 -10.07 -21.21
N ASP A 109 24.68 -9.48 -20.97
CA ASP A 109 24.44 -8.05 -21.36
C ASP A 109 24.08 -7.20 -20.19
N LYS A 110 24.14 -7.76 -18.97
CA LYS A 110 23.81 -7.06 -17.71
CA LYS A 110 23.83 -7.04 -17.73
C LYS A 110 22.32 -6.55 -17.72
N LYS A 111 21.44 -7.16 -18.51
CA LYS A 111 20.02 -6.74 -18.59
C LYS A 111 19.38 -7.02 -17.21
N LEU A 112 18.59 -6.05 -16.72
CA LEU A 112 17.84 -6.19 -15.45
C LEU A 112 16.58 -6.97 -15.76
N LEU A 113 16.37 -8.13 -15.08
CA LEU A 113 15.36 -9.07 -15.44
C LEU A 113 14.21 -9.07 -14.41
N ALA A 114 14.53 -8.71 -13.17
CA ALA A 114 13.51 -8.88 -12.07
C ALA A 114 13.97 -8.10 -10.85
N PHE A 115 12.95 -7.83 -10.01
CA PHE A 115 13.15 -7.10 -8.75
C PHE A 115 12.11 -7.48 -7.78
N ILE A 116 12.44 -7.41 -6.48
CA ILE A 116 11.48 -7.44 -5.39
C ILE A 116 12.06 -6.64 -4.27
N ALA A 117 11.21 -5.99 -3.45
CA ALA A 117 11.73 -5.22 -2.32
C ALA A 117 11.07 -5.47 -1.01
N GLY A 118 11.82 -5.61 0.06
CA GLY A 118 11.28 -5.60 1.43
C GLY A 118 11.73 -4.36 2.13
N VAL A 119 10.86 -3.92 3.04
CA VAL A 119 11.25 -2.84 4.00
C VAL A 119 10.76 -3.23 5.37
N PRO A 120 11.36 -2.77 6.43
CA PRO A 120 10.85 -3.02 7.79
CA PRO A 120 10.85 -3.03 7.79
C PRO A 120 9.47 -2.40 8.01
N VAL A 121 8.63 -3.11 8.77
CA VAL A 121 7.37 -2.49 9.28
C VAL A 121 7.18 -3.05 10.66
N THR A 122 6.66 -2.23 11.57
CA THR A 122 6.27 -2.65 12.92
C THR A 122 4.74 -2.80 12.82
N LEU A 123 4.24 -4.02 13.00
CA LEU A 123 2.81 -4.27 12.76
C LEU A 123 2.12 -4.87 13.97
N ARG A 124 0.98 -4.32 14.34
CA ARG A 124 0.01 -5.01 15.21
CA ARG A 124 0.04 -5.04 15.21
C ARG A 124 -0.66 -6.12 14.40
N MET A 125 -0.46 -7.39 14.79
CA MET A 125 -0.93 -8.51 13.98
C MET A 125 -1.33 -9.61 14.95
N GLY A 126 -1.79 -9.19 16.12
CA GLY A 126 -2.33 -10.21 17.09
C GLY A 126 -3.78 -10.51 16.83
N THR A 127 -4.31 -11.53 17.58
CA THR A 127 -5.68 -11.98 17.26
C THR A 127 -6.69 -10.87 17.20
N PRO A 128 -7.55 -10.84 16.17
CA PRO A 128 -8.50 -9.74 16.04
C PRO A 128 -9.58 -9.66 17.10
N LYS A 129 -10.20 -8.52 17.29
CA LYS A 129 -11.20 -8.35 18.35
C LYS A 129 -12.25 -9.39 18.34
N TYR A 130 -12.86 -9.67 17.21
CA TYR A 130 -14.02 -10.58 17.24
C TYR A 130 -13.55 -11.98 17.65
N MET A 131 -12.32 -12.36 17.36
CA MET A 131 -11.79 -13.68 17.81
C MET A 131 -11.31 -13.70 19.19
N LYS A 132 -10.85 -12.58 19.72
CA LYS A 132 -10.57 -12.49 21.17
C LYS A 132 -11.80 -12.66 22.02
N VAL A 133 -12.94 -12.13 21.59
CA VAL A 133 -14.21 -12.35 22.32
C VAL A 133 -14.58 -13.82 22.28
N LYS A 134 -14.55 -14.44 21.10
CA LYS A 134 -14.87 -15.92 20.98
C LYS A 134 -13.93 -16.66 21.89
N ALA A 135 -12.65 -16.32 22.00
CA ALA A 135 -11.72 -17.06 22.84
C ALA A 135 -12.06 -16.87 24.31
N GLN A 136 -12.33 -15.64 24.73
CA GLN A 136 -12.76 -15.39 26.10
CA GLN A 136 -12.76 -15.37 26.10
C GLN A 136 -14.03 -16.16 26.46
N GLU A 137 -14.99 -16.22 25.51
CA GLU A 137 -16.24 -16.96 25.77
C GLU A 137 -15.97 -18.39 26.06
N LYS A 138 -14.77 -18.91 25.79
CA LYS A 138 -14.37 -20.33 25.90
C LYS A 138 -13.26 -20.51 26.92
N GLY A 139 -12.78 -19.47 27.61
CA GLY A 139 -11.62 -19.66 28.45
C GLY A 139 -10.27 -19.73 27.90
N GLU A 140 -10.15 -19.19 26.67
CA GLU A 140 -8.89 -19.30 25.84
C GLU A 140 -8.22 -17.91 25.58
N GLY A 141 -8.44 -16.99 26.51
CA GLY A 141 -7.79 -15.61 26.33
C GLY A 141 -6.33 -15.63 26.31
N GLU A 142 -5.69 -16.53 27.01
CA GLU A 142 -4.23 -16.50 27.03
C GLU A 142 -3.67 -16.93 25.62
N GLU A 143 -4.23 -18.01 25.00
CA GLU A 143 -3.77 -18.43 23.69
CA GLU A 143 -3.75 -18.40 23.69
C GLU A 143 -4.01 -17.25 22.71
N ALA A 144 -5.15 -16.60 22.82
CA ALA A 144 -5.50 -15.50 21.87
C ALA A 144 -4.64 -14.27 22.03
N ALA A 145 -4.05 -14.07 23.18
CA ALA A 145 -3.27 -12.88 23.45
C ALA A 145 -1.78 -13.00 23.19
N LYS A 146 -1.31 -14.20 22.85
CA LYS A 146 0.09 -14.46 22.87
C LYS A 146 0.88 -13.54 21.99
N TYR A 147 0.33 -13.15 20.82
CA TYR A 147 1.07 -12.22 19.96
CA TYR A 147 1.07 -12.39 19.89
C TYR A 147 0.51 -10.88 19.77
N ASP A 148 0.02 -10.27 20.84
CA ASP A 148 -0.55 -8.95 20.79
C ASP A 148 0.43 -7.81 20.60
N GLU A 149 1.64 -7.99 21.11
CA GLU A 149 2.60 -6.92 21.01
CA GLU A 149 2.75 -7.03 21.03
C GLU A 149 3.04 -6.67 19.52
N PRO A 150 3.21 -5.39 19.21
CA PRO A 150 3.59 -5.11 17.76
C PRO A 150 4.86 -5.94 17.41
N ARG A 151 4.94 -6.39 16.17
CA ARG A 151 6.06 -7.28 15.68
CA ARG A 151 6.14 -7.12 15.77
C ARG A 151 6.85 -6.52 14.62
N HIS A 152 8.19 -6.62 14.65
CA HIS A 152 9.03 -6.07 13.57
C HIS A 152 9.15 -7.08 12.49
N ILE A 153 8.49 -6.89 11.34
CA ILE A 153 8.42 -7.80 10.23
C ILE A 153 8.86 -7.14 8.92
N CYS A 154 8.62 -7.84 7.82
CA CYS A 154 9.00 -7.32 6.47
C CYS A 154 7.74 -6.99 5.68
N GLU A 155 7.71 -5.85 5.00
CA GLU A 155 6.65 -5.48 4.02
CA GLU A 155 6.65 -5.53 4.02
C GLU A 155 7.25 -5.62 2.63
N ILE A 156 6.62 -6.46 1.81
CA ILE A 156 7.11 -6.75 0.47
C ILE A 156 6.33 -5.94 -0.53
N ASN A 157 6.96 -5.43 -1.59
CA ASN A 157 6.24 -4.75 -2.66
C ASN A 157 7.18 -4.75 -3.86
N PHE A 158 6.68 -4.30 -5.00
CA PHE A 158 7.45 -4.09 -6.22
C PHE A 158 8.02 -5.35 -6.81
N LEU A 159 7.36 -6.50 -6.61
CA LEU A 159 7.78 -7.70 -7.36
C LEU A 159 7.50 -7.48 -8.85
N CYS A 160 8.53 -7.73 -9.66
CA CYS A 160 8.40 -7.48 -11.12
C CYS A 160 9.35 -8.44 -11.84
N VAL A 161 8.83 -9.10 -12.88
CA VAL A 161 9.68 -9.87 -13.82
C VAL A 161 9.55 -9.20 -15.18
N HIS A 162 10.67 -9.00 -15.85
CA HIS A 162 10.59 -8.45 -17.21
C HIS A 162 9.64 -9.23 -18.12
N LYS A 163 8.93 -8.52 -19.02
CA LYS A 163 7.96 -9.18 -19.89
C LYS A 163 8.64 -10.31 -20.72
N GLN A 164 9.92 -10.19 -21.11
CA GLN A 164 10.55 -11.31 -21.82
C GLN A 164 10.80 -12.52 -21.03
N LEU A 165 10.72 -12.44 -19.70
CA LEU A 165 11.06 -13.58 -18.85
C LEU A 165 9.86 -14.07 -18.13
N ARG A 166 8.66 -13.66 -18.55
CA ARG A 166 7.43 -14.15 -17.88
C ARG A 166 7.17 -15.64 -18.05
N GLU A 167 6.59 -16.26 -17.00
CA GLU A 167 6.08 -17.64 -17.08
C GLU A 167 7.26 -18.60 -17.17
N LYS A 168 8.39 -18.27 -16.58
CA LYS A 168 9.62 -19.10 -16.55
C LYS A 168 9.95 -19.51 -15.12
N ARG A 169 9.02 -19.30 -14.16
CA ARG A 169 9.25 -19.58 -12.72
C ARG A 169 10.38 -18.81 -12.14
N LEU A 170 10.63 -17.59 -12.62
CA LEU A 170 11.67 -16.77 -12.04
C LEU A 170 11.12 -16.12 -10.73
N ALA A 171 9.83 -15.76 -10.73
CA ALA A 171 9.30 -15.12 -9.51
C ALA A 171 9.48 -16.00 -8.24
N PRO A 172 9.14 -17.30 -8.26
CA PRO A 172 9.37 -18.13 -7.08
C PRO A 172 10.79 -18.12 -6.62
N ILE A 173 11.79 -18.12 -7.52
CA ILE A 173 13.26 -18.11 -7.13
CA ILE A 173 13.19 -18.18 -6.93
C ILE A 173 13.57 -16.80 -6.42
N LEU A 174 13.08 -15.68 -6.99
CA LEU A 174 13.34 -14.37 -6.41
C LEU A 174 12.68 -14.31 -5.07
N ILE A 175 11.46 -14.86 -4.90
CA ILE A 175 10.79 -14.84 -3.59
C ILE A 175 11.54 -15.67 -2.57
N LYS A 176 12.10 -16.85 -2.98
CA LYS A 176 12.89 -17.64 -2.06
C LYS A 176 14.16 -16.94 -1.63
N GLU A 177 14.84 -16.24 -2.53
CA GLU A 177 16.11 -15.56 -2.15
C GLU A 177 15.73 -14.33 -1.24
N ALA A 178 14.64 -13.63 -1.54
CA ALA A 178 14.23 -12.57 -0.57
C ALA A 178 13.90 -13.17 0.78
N THR A 179 13.22 -14.30 0.83
CA THR A 179 12.86 -14.91 2.10
C THR A 179 14.15 -15.30 2.87
N ARG A 180 15.15 -15.81 2.16
CA ARG A 180 16.42 -16.15 2.80
C ARG A 180 17.12 -14.88 3.41
N ARG A 181 17.13 -13.77 2.66
CA ARG A 181 17.78 -12.54 3.13
C ARG A 181 17.05 -12.02 4.34
N VAL A 182 15.72 -12.12 4.34
CA VAL A 182 14.92 -11.64 5.53
C VAL A 182 15.14 -12.55 6.71
N ASN A 183 15.08 -13.88 6.47
CA ASN A 183 15.30 -14.82 7.60
C ASN A 183 16.75 -14.72 8.16
N ARG A 184 17.72 -14.34 7.33
CA ARG A 184 19.10 -14.11 7.85
C ARG A 184 19.15 -12.93 8.83
N THR A 185 18.11 -12.11 8.86
CA THR A 185 18.03 -11.01 9.85
C THR A 185 17.09 -11.35 10.98
N ASN A 186 16.72 -12.57 11.15
CA ASN A 186 15.87 -13.01 12.18
C ASN A 186 14.41 -12.55 12.08
N VAL A 187 13.96 -12.38 10.87
CA VAL A 187 12.53 -11.93 10.68
C VAL A 187 11.94 -13.12 9.88
N TRP A 188 10.71 -13.50 10.30
CA TRP A 188 10.10 -14.74 9.83
C TRP A 188 8.71 -14.60 9.28
N GLN A 189 8.20 -13.38 9.28
CA GLN A 189 6.88 -13.06 8.70
C GLN A 189 7.08 -11.89 7.71
N ALA A 190 6.14 -11.86 6.75
CA ALA A 190 6.03 -10.66 5.91
C ALA A 190 4.55 -10.36 5.70
N VAL A 191 4.28 -9.14 5.24
CA VAL A 191 2.96 -8.70 4.83
C VAL A 191 3.11 -8.17 3.40
N TYR A 192 2.07 -8.46 2.62
CA TYR A 192 2.11 -8.01 1.21
C TYR A 192 0.67 -7.96 0.74
N THR A 193 0.46 -7.20 -0.36
CA THR A 193 -0.86 -7.10 -0.98
C THR A 193 -0.73 -7.53 -2.43
N ALA A 194 -1.86 -7.88 -3.06
CA ALA A 194 -1.85 -7.98 -4.55
C ALA A 194 -3.25 -7.76 -5.00
N GLY A 195 -3.38 -7.34 -6.28
CA GLY A 195 -4.72 -7.21 -6.96
C GLY A 195 -5.17 -8.56 -7.49
N VAL A 196 -4.40 -9.63 -7.35
CA VAL A 196 -4.79 -10.94 -7.80
C VAL A 196 -5.00 -11.82 -6.59
N LEU A 197 -5.76 -12.89 -6.76
CA LEU A 197 -6.08 -13.83 -5.71
C LEU A 197 -5.06 -14.98 -5.68
N LEU A 198 -4.43 -15.15 -4.55
CA LEU A 198 -3.41 -16.18 -4.30
C LEU A 198 -3.83 -16.89 -3.01
N PRO A 199 -3.20 -18.06 -2.67
CA PRO A 199 -3.44 -18.65 -1.36
C PRO A 199 -2.76 -17.83 -0.27
N THR A 200 -3.39 -17.30 0.78
CA THR A 200 -4.85 -17.13 0.87
C THR A 200 -4.94 -15.78 1.63
N PRO A 201 -5.82 -14.89 1.21
CA PRO A 201 -5.83 -13.56 1.90
C PRO A 201 -6.36 -13.66 3.32
N TYR A 202 -5.94 -12.77 4.21
CA TYR A 202 -6.65 -12.64 5.46
C TYR A 202 -7.69 -11.49 5.40
N ALA A 203 -7.65 -10.65 4.33
CA ALA A 203 -8.67 -9.59 4.15
C ALA A 203 -8.65 -9.22 2.70
N SER A 204 -9.76 -8.66 2.24
CA SER A 204 -9.87 -8.16 0.82
C SER A 204 -10.78 -6.95 0.79
N GLY A 205 -10.30 -5.87 0.18
CA GLY A 205 -11.09 -4.58 0.06
C GLY A 205 -11.31 -4.27 -1.40
N GLN A 206 -12.48 -3.85 -1.79
CA GLN A 206 -12.71 -3.40 -3.18
C GLN A 206 -11.99 -2.01 -3.36
N TYR A 207 -11.59 -1.85 -4.63
CA TYR A 207 -11.11 -0.54 -5.08
C TYR A 207 -12.24 0.48 -5.12
N PHE A 208 -11.90 1.73 -4.86
CA PHE A 208 -12.88 2.84 -5.07
C PHE A 208 -12.14 3.98 -5.81
N HIS A 209 -12.84 4.70 -6.65
CA HIS A 209 -12.27 5.79 -7.41
C HIS A 209 -13.16 6.99 -7.35
N ARG A 210 -12.59 8.18 -7.35
CA ARG A 210 -13.34 9.45 -7.34
C ARG A 210 -12.78 10.27 -8.45
N SER A 211 -13.61 10.45 -9.51
CA SER A 211 -13.13 11.25 -10.65
CA SER A 211 -13.13 11.27 -10.67
C SER A 211 -12.88 12.67 -10.28
N LEU A 212 -11.73 13.24 -10.72
CA LEU A 212 -11.43 14.67 -10.49
C LEU A 212 -11.41 15.38 -11.87
N ASN A 213 -11.00 14.71 -12.94
CA ASN A 213 -11.00 15.32 -14.30
C ASN A 213 -11.70 14.32 -15.22
N PRO A 214 -13.04 14.26 -15.18
CA PRO A 214 -13.76 13.23 -15.92
C PRO A 214 -13.55 13.40 -17.42
N GLU A 215 -13.38 14.61 -17.96
CA GLU A 215 -13.22 14.64 -19.42
C GLU A 215 -11.94 13.95 -19.84
N LYS A 216 -10.82 14.14 -19.11
CA LYS A 216 -9.59 13.39 -19.45
C LYS A 216 -9.80 11.90 -19.23
N LEU A 217 -10.41 11.53 -18.07
CA LEU A 217 -10.62 10.10 -17.82
C LEU A 217 -11.43 9.38 -18.90
N VAL A 218 -12.45 10.09 -19.44
CA VAL A 218 -13.20 9.44 -20.54
C VAL A 218 -12.34 9.45 -21.84
N GLU A 219 -11.56 10.51 -22.08
CA GLU A 219 -10.70 10.63 -23.32
C GLU A 219 -9.70 9.43 -23.33
N ILE A 220 -9.15 9.08 -22.16
CA ILE A 220 -8.10 8.00 -22.13
C ILE A 220 -8.74 6.66 -21.86
N ARG A 221 -10.07 6.57 -21.70
CA ARG A 221 -10.77 5.34 -21.54
C ARG A 221 -10.61 4.71 -20.21
N PHE A 222 -10.17 5.47 -19.21
CA PHE A 222 -10.34 4.96 -17.80
C PHE A 222 -11.80 4.86 -17.38
N SER A 223 -12.56 5.85 -17.83
CA SER A 223 -14.00 5.95 -17.57
C SER A 223 -14.72 6.03 -18.90
N GLY A 224 -16.00 5.78 -18.80
CA GLY A 224 -16.94 6.09 -19.89
C GLY A 224 -17.92 7.13 -19.44
N ILE A 225 -18.69 7.68 -20.40
CA ILE A 225 -19.87 8.49 -19.98
C ILE A 225 -20.90 7.46 -19.60
N PRO A 226 -21.35 7.46 -18.31
CA PRO A 226 -22.33 6.45 -17.92
C PRO A 226 -23.66 6.59 -18.64
N ALA A 227 -24.33 5.45 -18.76
CA ALA A 227 -25.69 5.46 -19.41
C ALA A 227 -26.61 6.45 -18.89
N GLN A 228 -26.63 6.68 -17.59
CA GLN A 228 -27.59 7.62 -17.05
C GLN A 228 -27.36 9.05 -17.59
N TYR A 229 -26.11 9.38 -17.98
CA TYR A 229 -25.85 10.72 -18.51
C TYR A 229 -26.21 10.88 -20.03
N GLN A 230 -26.52 9.78 -20.66
CA GLN A 230 -26.85 9.83 -22.11
CA GLN A 230 -26.74 9.83 -22.11
C GLN A 230 -28.18 10.38 -22.33
N LYS A 231 -29.00 10.53 -21.28
CA LYS A 231 -30.31 11.14 -21.39
C LYS A 231 -30.24 12.67 -21.47
N PHE A 232 -29.07 13.29 -21.21
CA PHE A 232 -28.96 14.75 -21.21
C PHE A 232 -28.50 15.26 -22.61
N GLN A 233 -28.84 16.48 -22.92
CA GLN A 233 -28.36 17.08 -24.14
C GLN A 233 -26.85 17.22 -24.19
N ASN A 234 -26.20 17.42 -23.04
CA ASN A 234 -24.76 17.49 -23.07
C ASN A 234 -24.19 16.56 -21.98
N PRO A 235 -24.02 15.30 -22.28
CA PRO A 235 -23.69 14.31 -21.22
C PRO A 235 -22.37 14.61 -20.54
N MET A 236 -21.35 15.04 -21.30
CA MET A 236 -20.07 15.37 -20.64
C MET A 236 -20.17 16.62 -19.83
N ALA A 237 -20.92 17.66 -20.23
CA ALA A 237 -21.06 18.82 -19.32
C ALA A 237 -21.73 18.45 -18.03
N MET A 238 -22.71 17.55 -18.05
CA MET A 238 -23.37 17.09 -16.85
C MET A 238 -22.44 16.24 -15.97
N LEU A 239 -21.58 15.44 -16.59
CA LEU A 239 -20.62 14.63 -15.84
C LEU A 239 -19.60 15.50 -15.18
N LYS A 240 -19.07 16.49 -15.91
CA LYS A 240 -18.18 17.47 -15.30
C LYS A 240 -18.83 18.15 -14.11
N ARG A 241 -20.09 18.57 -14.26
CA ARG A 241 -20.77 19.21 -13.20
CA ARG A 241 -20.77 19.20 -13.16
C ARG A 241 -20.94 18.29 -11.96
N ASN A 242 -21.28 17.03 -12.20
CA ASN A 242 -21.40 16.10 -11.09
C ASN A 242 -20.13 16.03 -10.21
N TYR A 243 -18.96 16.08 -10.86
CA TYR A 243 -17.69 15.90 -10.18
C TYR A 243 -16.98 17.18 -9.79
N GLN A 244 -17.58 18.33 -10.08
CA GLN A 244 -16.93 19.63 -9.86
CA GLN A 244 -16.93 19.63 -9.84
C GLN A 244 -16.66 19.81 -8.35
N LEU A 245 -15.56 20.45 -8.05
CA LEU A 245 -15.10 20.70 -6.66
C LEU A 245 -14.76 22.20 -6.46
N PRO A 246 -14.76 22.65 -5.22
CA PRO A 246 -14.16 23.93 -4.89
C PRO A 246 -12.75 24.00 -5.36
N SER A 247 -12.29 25.25 -5.61
CA SER A 247 -10.92 25.51 -6.11
C SER A 247 -9.97 25.83 -5.02
N ALA A 248 -10.37 25.84 -3.77
CA ALA A 248 -9.50 26.09 -2.57
C ALA A 248 -10.14 25.35 -1.42
N PRO A 249 -9.32 24.87 -0.47
CA PRO A 249 -9.86 24.13 0.70
C PRO A 249 -10.87 24.87 1.58
N LYS A 250 -11.74 24.15 2.21
CA LYS A 250 -12.79 24.73 3.02
CA LYS A 250 -12.81 24.72 3.03
C LYS A 250 -12.41 24.83 4.48
N ASN A 251 -11.50 23.98 4.97
CA ASN A 251 -11.17 24.03 6.39
C ASN A 251 -10.19 25.16 6.68
N SER A 252 -10.60 26.06 7.62
CA SER A 252 -9.77 27.14 8.09
CA SER A 252 -9.72 27.14 8.00
C SER A 252 -8.50 26.56 8.74
N GLY A 253 -7.37 27.13 8.41
CA GLY A 253 -6.17 26.59 9.12
C GLY A 253 -5.65 25.24 8.59
N LEU A 254 -6.11 24.85 7.39
CA LEU A 254 -5.44 23.77 6.66
C LEU A 254 -4.14 24.30 6.17
N ARG A 255 -3.08 23.55 6.40
CA ARG A 255 -1.75 23.91 5.86
C ARG A 255 -0.87 22.65 5.64
N GLU A 256 0.22 22.71 4.93
CA GLU A 256 1.07 21.54 4.81
C GLU A 256 1.66 21.19 6.16
N MET A 257 1.89 19.90 6.38
CA MET A 257 2.56 19.44 7.56
C MET A 257 4.03 19.87 7.61
N LYS A 258 4.51 20.17 8.79
CA LYS A 258 5.87 20.65 9.07
CA LYS A 258 5.94 20.51 8.89
C LYS A 258 6.54 19.73 10.05
N PRO A 259 7.92 19.70 10.17
CA PRO A 259 8.57 18.83 11.11
C PRO A 259 8.05 19.02 12.52
N SER A 260 7.67 20.24 12.94
CA SER A 260 7.22 20.43 14.29
C SER A 260 5.89 19.75 14.62
N ASP A 261 5.16 19.32 13.57
CA ASP A 261 3.87 18.65 13.74
C ASP A 261 4.05 17.12 14.00
N VAL A 262 5.26 16.59 13.88
CA VAL A 262 5.46 15.10 13.93
C VAL A 262 4.97 14.53 15.24
N PRO A 263 5.31 15.07 16.44
CA PRO A 263 4.76 14.45 17.63
C PRO A 263 3.21 14.44 17.70
N GLN A 264 2.54 15.52 17.35
CA GLN A 264 1.09 15.51 17.44
CA GLN A 264 1.08 15.53 17.44
C GLN A 264 0.46 14.62 16.40
N VAL A 265 1.00 14.66 15.19
CA VAL A 265 0.48 13.76 14.14
C VAL A 265 0.67 12.30 14.57
N ARG A 266 1.84 11.97 15.10
CA ARG A 266 2.05 10.61 15.65
CA ARG A 266 2.07 10.62 15.65
C ARG A 266 1.03 10.20 16.68
N ARG A 267 0.79 11.10 17.61
CA ARG A 267 -0.16 10.78 18.69
C ARG A 267 -1.57 10.56 18.17
N ILE A 268 -2.07 11.49 17.32
CA ILE A 268 -3.46 11.32 16.86
C ILE A 268 -3.61 10.15 15.88
N LEU A 269 -2.56 9.86 15.07
CA LEU A 269 -2.60 8.74 14.17
C LEU A 269 -2.52 7.46 14.93
N MET A 270 -1.60 7.30 15.92
CA MET A 270 -1.51 6.04 16.63
C MET A 270 -2.77 5.79 17.48
N ASN A 271 -3.35 6.85 18.05
CA ASN A 271 -4.58 6.61 18.83
CA ASN A 271 -4.61 6.68 18.80
C ASN A 271 -5.70 6.12 17.92
N TYR A 272 -5.82 6.68 16.71
CA TYR A 272 -6.81 6.25 15.74
C TYR A 272 -6.55 4.84 15.25
N LEU A 273 -5.32 4.50 14.87
CA LEU A 273 -5.06 3.18 14.31
C LEU A 273 -5.23 2.06 15.33
N ASP A 274 -5.20 2.34 16.62
CA ASP A 274 -5.50 1.31 17.63
C ASP A 274 -6.87 0.75 17.48
N SER A 275 -7.81 1.41 16.87
CA SER A 275 -9.17 0.90 16.76
CA SER A 275 -9.23 0.99 16.67
C SER A 275 -9.25 -0.25 15.75
N PHE A 276 -8.17 -0.55 14.99
CA PHE A 276 -8.22 -1.57 13.94
C PHE A 276 -7.43 -2.79 14.33
N ASP A 277 -7.83 -3.93 13.79
CA ASP A 277 -7.15 -5.16 14.12
C ASP A 277 -5.73 -5.35 13.61
N VAL A 278 -5.46 -4.89 12.36
CA VAL A 278 -4.12 -5.02 11.81
C VAL A 278 -3.68 -3.62 11.43
N GLY A 279 -2.51 -3.16 11.93
CA GLY A 279 -2.13 -1.75 11.57
C GLY A 279 -0.67 -1.53 11.97
N PRO A 280 -0.05 -0.54 11.34
CA PRO A 280 1.36 -0.20 11.65
C PRO A 280 1.51 0.62 12.89
N VAL A 281 2.66 0.49 13.55
CA VAL A 281 3.12 1.38 14.63
C VAL A 281 4.27 2.13 14.04
N PHE A 282 4.23 3.44 14.18
CA PHE A 282 5.25 4.35 13.57
C PHE A 282 5.96 5.10 14.68
N SER A 283 7.27 5.12 14.65
CA SER A 283 8.04 5.99 15.52
C SER A 283 7.99 7.43 15.00
N ASP A 284 8.56 8.39 15.76
CA ASP A 284 8.68 9.75 15.22
C ASP A 284 9.40 9.75 13.90
N ALA A 285 10.51 9.00 13.78
CA ALA A 285 11.23 8.97 12.53
C ALA A 285 10.44 8.46 11.39
N GLU A 286 9.57 7.45 11.65
CA GLU A 286 8.76 6.86 10.56
C GLU A 286 7.60 7.78 10.21
N ILE A 287 7.03 8.49 11.20
CA ILE A 287 6.03 9.53 10.84
C ILE A 287 6.63 10.58 9.99
N SER A 288 7.83 11.06 10.36
CA SER A 288 8.56 12.05 9.56
CA SER A 288 8.46 12.06 9.56
C SER A 288 8.74 11.58 8.14
N HIS A 289 9.28 10.33 8.04
CA HIS A 289 9.61 9.81 6.69
C HIS A 289 8.29 9.66 5.86
N TYR A 290 7.29 8.99 6.43
CA TYR A 290 6.14 8.65 5.60
C TYR A 290 5.16 9.77 5.43
N LEU A 291 5.19 10.81 6.25
CA LEU A 291 4.16 11.83 6.07
C LEU A 291 4.68 13.18 5.76
N LEU A 292 5.93 13.57 6.05
CA LEU A 292 6.33 14.95 5.63
C LEU A 292 6.25 15.09 4.14
N PRO A 293 5.76 16.24 3.66
CA PRO A 293 5.59 16.40 2.22
CA PRO A 293 5.57 16.30 2.21
C PRO A 293 6.81 16.21 1.39
N ARG A 294 6.69 15.53 0.28
CA ARG A 294 7.76 15.47 -0.73
C ARG A 294 7.18 15.70 -2.06
N ASP A 295 7.80 16.62 -2.82
CA ASP A 295 7.29 17.06 -4.11
C ASP A 295 7.07 15.88 -5.02
N GLY A 296 5.88 15.74 -5.61
CA GLY A 296 5.65 14.76 -6.54
C GLY A 296 5.37 13.35 -6.01
N VAL A 297 5.42 13.23 -4.66
CA VAL A 297 5.44 11.86 -4.06
C VAL A 297 4.36 11.76 -2.97
N VAL A 298 4.42 12.57 -1.94
CA VAL A 298 3.53 12.48 -0.75
C VAL A 298 3.12 13.89 -0.38
N PHE A 299 1.83 14.02 -0.11
CA PHE A 299 1.16 15.32 0.11
C PHE A 299 0.47 15.23 1.42
N THR A 300 0.75 16.05 2.41
CA THR A 300 0.14 15.91 3.76
C THR A 300 -0.17 17.23 4.32
N TYR A 301 -1.42 17.34 4.80
CA TYR A 301 -1.90 18.58 5.33
C TYR A 301 -2.47 18.34 6.71
N VAL A 302 -2.28 19.35 7.58
CA VAL A 302 -2.88 19.33 8.91
C VAL A 302 -3.95 20.42 9.07
N VAL A 303 -4.92 20.16 9.93
CA VAL A 303 -5.85 21.26 10.33
C VAL A 303 -5.30 21.79 11.67
N GLU A 304 -4.82 23.03 11.65
CA GLU A 304 -4.33 23.76 12.85
C GLU A 304 -4.98 25.21 12.80
N ASN A 305 -6.19 25.30 13.22
CA ASN A 305 -6.81 26.66 13.28
C ASN A 305 -6.42 27.47 14.55
N ASP A 306 -6.15 26.76 15.65
CA ASP A 306 -5.83 27.41 16.90
C ASP A 306 -4.52 26.88 17.57
N LYS A 307 -3.45 26.82 16.80
CA LYS A 307 -2.10 26.42 17.23
CA LYS A 307 -2.11 26.45 17.29
C LYS A 307 -1.93 24.97 17.68
N LYS A 308 -2.96 24.13 17.52
CA LYS A 308 -2.91 22.72 17.88
CA LYS A 308 -2.79 22.70 17.81
C LYS A 308 -3.30 21.95 16.61
N VAL A 309 -2.56 20.91 16.22
CA VAL A 309 -3.03 20.04 15.12
C VAL A 309 -4.06 19.07 15.67
N THR A 310 -5.22 19.14 15.04
CA THR A 310 -6.35 18.35 15.46
C THR A 310 -6.73 17.26 14.46
N ASP A 311 -6.29 17.41 13.21
CA ASP A 311 -6.71 16.51 12.15
C ASP A 311 -5.63 16.57 11.09
N PHE A 312 -5.52 15.50 10.29
CA PHE A 312 -4.57 15.65 9.15
C PHE A 312 -5.02 14.63 8.10
N PHE A 313 -4.61 14.87 6.84
CA PHE A 313 -4.71 13.74 5.87
C PHE A 313 -3.44 13.76 5.00
N SER A 314 -3.23 12.61 4.32
CA SER A 314 -2.14 12.44 3.39
CA SER A 314 -2.16 12.51 3.31
C SER A 314 -2.65 11.70 2.15
N PHE A 315 -1.97 11.97 1.07
CA PHE A 315 -2.17 11.15 -0.15
C PHE A 315 -0.85 11.00 -0.86
N TYR A 316 -0.67 9.97 -1.60
CA TYR A 316 0.54 9.80 -2.42
C TYR A 316 0.20 9.74 -3.89
N ARG A 317 1.20 10.01 -4.73
CA ARG A 317 1.03 10.11 -6.16
C ARG A 317 1.65 8.92 -6.87
N ILE A 318 0.88 8.25 -7.76
CA ILE A 318 1.50 7.34 -8.76
C ILE A 318 0.91 7.68 -10.09
N PRO A 319 1.70 8.26 -10.98
CA PRO A 319 1.23 8.43 -12.36
C PRO A 319 1.24 7.10 -13.03
N SER A 320 0.34 6.88 -14.01
CA SER A 320 0.41 5.70 -14.89
C SER A 320 0.63 6.17 -16.32
N THR A 321 1.45 5.41 -17.03
CA THR A 321 1.57 5.63 -18.48
C THR A 321 0.27 5.27 -19.09
N VAL A 322 -0.18 6.13 -20.04
CA VAL A 322 -1.32 5.88 -20.97
C VAL A 322 -0.72 5.37 -22.26
N ILE A 323 -1.00 4.12 -22.55
CA ILE A 323 -0.44 3.61 -23.86
C ILE A 323 -1.24 4.14 -25.07
N GLY A 324 -0.62 5.00 -25.91
CA GLY A 324 -1.09 5.22 -27.27
C GLY A 324 -2.14 6.29 -27.48
N ASN A 325 -2.31 7.20 -26.52
CA ASN A 325 -3.31 8.25 -26.74
C ASN A 325 -2.65 9.55 -27.28
N SER A 326 -3.27 10.16 -28.28
CA SER A 326 -2.60 11.33 -28.88
C SER A 326 -2.71 12.61 -28.09
N ASN A 327 -3.59 12.64 -27.09
CA ASN A 327 -3.79 13.84 -26.26
C ASN A 327 -3.01 13.79 -24.98
N TYR A 328 -2.89 12.58 -24.40
CA TYR A 328 -2.31 12.40 -23.03
C TYR A 328 -1.31 11.26 -22.90
N ASN A 329 -0.24 11.48 -22.14
CA ASN A 329 0.71 10.48 -21.83
C ASN A 329 0.62 9.87 -20.44
N LEU A 330 -0.02 10.52 -19.51
CA LEU A 330 -0.02 10.11 -18.09
CA LEU A 330 -0.05 10.05 -18.09
C LEU A 330 -1.43 10.19 -17.56
N LEU A 331 -1.77 9.28 -16.68
CA LEU A 331 -2.94 9.38 -15.81
CA LEU A 331 -2.96 9.39 -15.79
C LEU A 331 -2.40 9.70 -14.41
N ASN A 332 -2.67 10.91 -13.87
CA ASN A 332 -2.05 11.29 -12.62
C ASN A 332 -3.00 10.97 -11.50
N ALA A 333 -2.69 9.94 -10.74
CA ALA A 333 -3.62 9.43 -9.68
C ALA A 333 -3.09 9.76 -8.27
N ALA A 334 -4.02 10.17 -7.42
CA ALA A 334 -3.77 10.38 -6.02
C ALA A 334 -4.31 9.22 -5.25
N TYR A 335 -3.61 8.69 -4.27
CA TYR A 335 -4.07 7.50 -3.46
C TYR A 335 -4.21 7.98 -2.06
N VAL A 336 -5.37 7.75 -1.41
CA VAL A 336 -5.57 8.14 0.00
C VAL A 336 -4.60 7.38 0.85
N HIS A 337 -3.82 8.11 1.67
CA HIS A 337 -2.81 7.48 2.53
C HIS A 337 -3.33 7.52 3.95
N TYR A 338 -2.60 7.82 4.95
CA TYR A 338 -3.13 7.90 6.34
C TYR A 338 -3.82 9.20 6.61
N TYR A 339 -4.67 9.16 7.62
CA TYR A 339 -5.39 10.38 8.04
C TYR A 339 -5.82 10.15 9.49
N ALA A 340 -6.29 11.24 10.16
CA ALA A 340 -6.95 11.10 11.47
C ALA A 340 -7.74 12.33 11.62
N ALA A 341 -8.94 12.15 12.19
CA ALA A 341 -9.84 13.29 12.45
C ALA A 341 -10.30 13.26 13.89
N THR A 342 -10.10 14.40 14.55
CA THR A 342 -10.53 14.53 15.96
C THR A 342 -11.42 15.74 16.14
N SER A 343 -11.50 16.64 15.23
CA SER A 343 -12.32 17.89 15.49
C SER A 343 -13.39 18.06 14.47
N ILE A 344 -13.29 17.42 13.33
CA ILE A 344 -14.27 17.58 12.20
C ILE A 344 -14.58 16.16 11.66
N PRO A 345 -15.75 16.03 11.00
CA PRO A 345 -16.09 14.76 10.54
C PRO A 345 -15.14 14.37 9.36
N LEU A 346 -15.00 13.05 9.18
CA LEU A 346 -14.03 12.59 8.19
CA LEU A 346 -14.05 12.55 8.12
C LEU A 346 -14.42 13.09 6.75
N HIS A 347 -15.72 13.12 6.38
CA HIS A 347 -16.03 13.55 5.06
C HIS A 347 -15.57 15.00 4.84
N GLN A 348 -15.59 15.87 5.89
CA GLN A 348 -15.17 17.22 5.76
C GLN A 348 -13.64 17.31 5.59
N LEU A 349 -12.92 16.40 6.25
CA LEU A 349 -11.48 16.33 6.04
C LEU A 349 -11.13 15.86 4.65
N ILE A 350 -11.72 14.76 4.17
CA ILE A 350 -11.37 14.20 2.92
C ILE A 350 -11.88 15.02 1.74
N LEU A 351 -12.97 15.82 1.95
CA LEU A 351 -13.32 16.74 0.85
C LEU A 351 -12.10 17.69 0.55
N ASP A 352 -11.45 18.16 1.61
CA ASP A 352 -10.24 19.01 1.34
C ASP A 352 -9.11 18.22 0.66
N LEU A 353 -8.97 16.89 0.94
CA LEU A 353 -8.01 16.06 0.13
C LEU A 353 -8.36 16.13 -1.36
N LEU A 354 -9.67 15.91 -1.66
CA LEU A 354 -10.04 15.97 -3.08
C LEU A 354 -9.81 17.32 -3.67
N ILE A 355 -10.15 18.39 -2.93
CA ILE A 355 -9.94 19.79 -3.48
C ILE A 355 -8.43 20.00 -3.69
N VAL A 356 -7.57 19.62 -2.72
CA VAL A 356 -6.11 19.87 -2.93
C VAL A 356 -5.60 19.02 -4.10
N ALA A 357 -6.00 17.72 -4.17
CA ALA A 357 -5.56 16.93 -5.27
C ALA A 357 -6.00 17.49 -6.62
N HIS A 358 -7.28 17.84 -6.73
CA HIS A 358 -7.70 18.42 -8.00
C HIS A 358 -6.95 19.71 -8.35
N SER A 359 -6.72 20.57 -7.36
CA SER A 359 -5.97 21.82 -7.62
CA SER A 359 -6.00 21.83 -7.64
C SER A 359 -4.57 21.60 -8.11
N ARG A 360 -4.01 20.48 -7.72
CA ARG A 360 -2.63 20.12 -8.09
CA ARG A 360 -2.63 20.09 -8.10
C ARG A 360 -2.57 19.26 -9.37
N GLY A 361 -3.67 19.14 -10.13
CA GLY A 361 -3.62 18.46 -11.43
C GLY A 361 -3.76 16.95 -11.37
N PHE A 362 -4.29 16.44 -10.28
CA PHE A 362 -4.61 15.01 -10.26
C PHE A 362 -5.89 14.70 -11.02
N ASP A 363 -5.98 13.52 -11.62
CA ASP A 363 -7.13 13.18 -12.50
C ASP A 363 -8.17 12.34 -11.77
N VAL A 364 -7.74 11.56 -10.79
CA VAL A 364 -8.61 10.65 -10.04
C VAL A 364 -8.03 10.50 -8.62
N CYS A 365 -8.87 10.21 -7.61
CA CYS A 365 -8.41 9.83 -6.32
C CYS A 365 -8.86 8.43 -6.10
N ASN A 366 -7.89 7.58 -5.70
CA ASN A 366 -8.13 6.12 -5.47
C ASN A 366 -7.93 5.77 -4.02
N MET A 367 -8.67 4.73 -3.58
CA MET A 367 -8.49 4.17 -2.23
C MET A 367 -9.06 2.79 -2.20
N VAL A 368 -8.65 2.00 -1.21
CA VAL A 368 -9.29 0.67 -0.94
C VAL A 368 -10.25 0.96 0.22
N GLU A 369 -11.28 0.12 0.43
CA GLU A 369 -12.19 0.28 1.54
C GLU A 369 -11.68 -0.14 2.90
N ILE A 370 -10.43 0.19 3.16
CA ILE A 370 -9.83 -0.04 4.47
C ILE A 370 -10.07 1.17 5.40
N LEU A 371 -9.55 1.10 6.61
CA LEU A 371 -9.71 2.20 7.57
C LEU A 371 -11.22 2.53 7.71
N ASP A 372 -11.56 3.81 7.74
CA ASP A 372 -12.95 4.23 7.75
C ASP A 372 -13.32 4.85 6.38
N ASN A 373 -12.63 4.35 5.39
CA ASN A 373 -12.85 4.88 4.05
C ASN A 373 -14.29 4.72 3.58
N ARG A 374 -15.01 3.71 4.06
CA ARG A 374 -16.41 3.61 3.62
C ARG A 374 -17.27 4.73 4.15
N SER A 375 -16.83 5.45 5.21
CA SER A 375 -17.72 6.44 5.87
CA SER A 375 -17.70 6.46 5.87
C SER A 375 -17.92 7.70 5.06
N PHE A 376 -17.19 7.91 3.97
CA PHE A 376 -17.40 9.11 3.16
C PHE A 376 -17.61 8.82 1.69
N VAL A 377 -17.74 7.53 1.30
CA VAL A 377 -17.81 7.17 -0.13
C VAL A 377 -18.95 7.88 -0.82
N GLU A 378 -20.21 7.78 -0.33
CA GLU A 378 -21.32 8.27 -1.15
C GLU A 378 -21.39 9.77 -1.21
N GLN A 379 -21.17 10.41 -0.10
CA GLN A 379 -21.24 11.92 -0.11
C GLN A 379 -20.15 12.48 -1.01
N LEU A 380 -19.01 11.84 -1.02
CA LEU A 380 -17.87 12.35 -1.80
C LEU A 380 -17.83 11.80 -3.20
N LYS A 381 -18.82 10.97 -3.57
CA LYS A 381 -18.98 10.52 -4.95
CA LYS A 381 -18.98 10.49 -4.95
C LYS A 381 -17.84 9.59 -5.39
N PHE A 382 -17.28 8.84 -4.46
CA PHE A 382 -16.46 7.69 -4.86
C PHE A 382 -17.38 6.59 -5.38
N GLY A 383 -16.83 5.84 -6.33
CA GLY A 383 -17.63 4.63 -6.78
C GLY A 383 -16.68 3.45 -6.72
N ALA A 384 -17.26 2.29 -6.43
CA ALA A 384 -16.45 1.05 -6.40
C ALA A 384 -16.01 0.76 -7.81
N GLY A 385 -14.80 0.18 -7.88
CA GLY A 385 -14.21 -0.31 -9.13
C GLY A 385 -14.30 -1.80 -9.19
N ASP A 386 -13.89 -2.38 -10.33
CA ASP A 386 -13.96 -3.85 -10.51
C ASP A 386 -12.60 -4.41 -10.23
N GLY A 387 -12.16 -4.30 -9.00
CA GLY A 387 -10.87 -4.87 -8.54
C GLY A 387 -10.92 -4.85 -7.02
N HIS A 388 -10.02 -5.68 -6.46
CA HIS A 388 -9.88 -5.80 -4.99
C HIS A 388 -8.43 -5.87 -4.63
N LEU A 389 -8.05 -5.17 -3.58
CA LEU A 389 -6.67 -5.36 -3.01
C LEU A 389 -6.83 -6.40 -1.91
N ARG A 390 -6.14 -7.54 -2.11
CA ARG A 390 -6.09 -8.59 -1.12
CA ARG A 390 -6.09 -8.59 -1.12
C ARG A 390 -4.84 -8.45 -0.26
N TYR A 391 -5.01 -8.66 1.06
CA TYR A 391 -3.95 -8.61 2.08
C TYR A 391 -3.57 -9.99 2.47
N TYR A 392 -2.24 -10.18 2.54
CA TYR A 392 -1.66 -11.52 2.82
C TYR A 392 -0.58 -11.36 3.88
N PHE A 393 -0.40 -12.45 4.62
CA PHE A 393 0.78 -12.65 5.40
C PHE A 393 1.54 -13.86 4.93
N TYR A 394 2.87 -13.81 5.07
CA TYR A 394 3.77 -14.98 4.93
C TYR A 394 4.11 -15.50 6.29
N ASN A 395 3.80 -16.80 6.47
CA ASN A 395 4.12 -17.46 7.77
C ASN A 395 3.40 -16.84 8.96
N TRP A 396 2.13 -16.51 8.75
CA TRP A 396 1.30 -16.04 9.87
C TRP A 396 -0.11 -16.51 9.67
N ALA A 397 -0.60 -17.34 10.58
CA ALA A 397 -2.02 -17.75 10.58
C ALA A 397 -2.82 -16.61 11.14
N TYR A 398 -3.87 -16.22 10.44
CA TYR A 398 -4.65 -15.04 10.89
C TYR A 398 -6.12 -15.23 10.57
N PRO A 399 -7.03 -15.08 11.53
CA PRO A 399 -8.46 -15.20 11.22
C PRO A 399 -8.90 -14.18 10.19
N LYS A 400 -9.82 -14.47 9.29
CA LYS A 400 -10.31 -13.52 8.29
C LYS A 400 -10.88 -12.32 8.97
N ILE A 401 -10.49 -11.14 8.48
CA ILE A 401 -11.09 -9.89 8.97
C ILE A 401 -11.68 -9.11 7.82
N LYS A 402 -12.64 -8.23 8.20
CA LYS A 402 -13.22 -7.34 7.20
CA LYS A 402 -13.24 -7.30 7.25
C LYS A 402 -12.16 -6.27 6.84
N PRO A 403 -12.28 -5.65 5.62
CA PRO A 403 -11.26 -4.66 5.29
C PRO A 403 -11.37 -3.40 6.12
N SER A 404 -12.53 -3.13 6.75
CA SER A 404 -12.63 -2.00 7.73
C SER A 404 -11.94 -2.29 9.04
N GLN A 405 -11.26 -3.48 9.14
CA GLN A 405 -10.43 -3.71 10.34
C GLN A 405 -8.93 -3.72 10.00
N VAL A 406 -8.64 -3.30 8.75
CA VAL A 406 -7.23 -3.13 8.26
C VAL A 406 -6.88 -1.67 8.23
N ALA A 407 -5.70 -1.35 8.77
CA ALA A 407 -5.18 0.02 8.88
C ALA A 407 -3.81 0.17 8.25
N LEU A 408 -3.33 -0.85 7.54
CA LEU A 408 -2.05 -0.73 6.79
C LEU A 408 -2.31 -0.27 5.35
N VAL A 409 -1.82 0.92 5.02
CA VAL A 409 -2.01 1.44 3.61
C VAL A 409 -0.75 0.97 2.86
N MET A 410 -0.93 0.28 1.77
CA MET A 410 0.13 -0.14 0.89
CA MET A 410 0.25 -0.10 0.99
C MET A 410 0.51 0.95 -0.14
N LEU A 411 1.79 1.04 -0.44
CA LEU A 411 2.25 1.95 -1.54
C LEU A 411 2.22 1.31 -2.86
#